data_4XUB
#
_entry.id   4XUB
#
_cell.length_a   81.170
_cell.length_b   96.690
_cell.length_c   57.810
_cell.angle_alpha   90.00
_cell.angle_beta   90.00
_cell.angle_gamma   90.00
#
_symmetry.space_group_name_H-M   'C 2 2 21'
#
loop_
_entity.id
_entity.type
_entity.pdbx_description
1 polymer 'Bromodomain adjacent to zinc finger domain protein 2B'
2 non-polymer 4-{4-(1-methyl-1H-pyrazol-4-yl)-1-[2-(4-methyl-1H-1,2,3-triazol-1-yl)ethyl]-1H-imidazol-5-yl}benzonitrile
3 non-polymer 1,2-ETHANEDIOL
4 water water
#
_entity_poly.entity_id   1
_entity_poly.type   'polypeptide(L)'
_entity_poly.pdbx_seq_one_letter_code
;SMSVKKPKRDDSKDLALCSMILTEMETHEDAWPFLLPVNLKLVPGYKKVIKKPMDFSTIREKLSSGQYPNLETFALDVRL
VFDNCETFNEDDSDIGRAGHNMRKYFEKKWTDTFKVS
;
_entity_poly.pdbx_strand_id   A
#
loop_
_chem_comp.id
_chem_comp.type
_chem_comp.name
_chem_comp.formula
43D non-polymer 4-{4-(1-methyl-1H-pyrazol-4-yl)-1-[2-(4-methyl-1H-1,2,3-triazol-1-yl)ethyl]-1H-imidazol-5-yl}benzonitrile 'C19 H18 N8'
EDO non-polymer 1,2-ETHANEDIOL 'C2 H6 O2'
#
# COMPACT_ATOMS: atom_id res chain seq x y z
N SER A 1 -10.66 14.14 25.08
CA SER A 1 -11.42 15.42 24.94
C SER A 1 -10.53 16.57 25.36
N MET A 2 -11.08 17.78 25.41
CA MET A 2 -10.29 18.98 25.64
C MET A 2 -9.54 18.90 26.97
N SER A 3 -8.22 19.01 26.89
CA SER A 3 -7.31 18.87 28.04
C SER A 3 -7.28 17.46 28.68
N VAL A 4 -7.69 16.44 27.93
CA VAL A 4 -7.69 15.06 28.43
C VAL A 4 -7.12 14.21 27.32
N LYS A 5 -5.81 13.96 27.39
CA LYS A 5 -5.12 13.21 26.34
C LYS A 5 -4.81 11.79 26.77
N LYS A 6 -5.06 10.85 25.86
CA LYS A 6 -4.57 9.49 26.02
C LYS A 6 -3.06 9.56 25.84
N PRO A 7 -2.30 8.75 26.60
CA PRO A 7 -0.91 8.71 26.21
C PRO A 7 -0.87 8.26 24.74
N LYS A 8 0.17 8.63 24.02
CA LYS A 8 0.25 8.23 22.61
C LYS A 8 1.58 7.66 22.21
N ARG A 9 1.49 6.75 21.25
CA ARG A 9 2.64 5.99 20.80
C ARG A 9 3.65 6.93 20.20
N ASP A 10 4.92 6.64 20.48
CA ASP A 10 6.04 7.28 19.79
C ASP A 10 5.86 6.98 18.32
N ASP A 11 5.69 8.03 17.53
CA ASP A 11 5.48 7.93 16.08
C ASP A 11 6.68 8.47 15.30
N SER A 12 7.78 8.74 16.02
CA SER A 12 8.96 9.34 15.43
C SER A 12 9.63 8.44 14.39
N LYS A 13 9.44 7.12 14.51
CA LYS A 13 10.07 6.17 13.61
C LYS A 13 9.18 5.74 12.44
N ASP A 14 7.93 6.20 12.42
CA ASP A 14 6.96 5.70 11.46
C ASP A 14 7.39 5.93 10.01
N LEU A 15 7.91 7.12 9.72
CA LEU A 15 8.29 7.46 8.34
C LEU A 15 9.32 6.45 7.84
N ALA A 16 10.40 6.30 8.59
CA ALA A 16 11.43 5.31 8.30
C ALA A 16 10.91 3.87 8.18
N LEU A 17 10.05 3.44 9.10
CA LEU A 17 9.52 2.08 9.08
C LEU A 17 8.61 1.83 7.86
N CYS A 18 7.73 2.76 7.54
CA CYS A 18 6.89 2.61 6.35
C CYS A 18 7.72 2.58 5.05
N SER A 19 8.72 3.47 4.97
CA SER A 19 9.67 3.44 3.86
C SER A 19 10.39 2.06 3.70
N MET A 20 10.83 1.49 4.82
CA MET A 20 11.42 0.15 4.85
C MET A 20 10.45 -0.94 4.39
N ILE A 21 9.22 -0.87 4.88
CA ILE A 21 8.18 -1.81 4.43
C ILE A 21 7.96 -1.72 2.91
N LEU A 22 7.81 -0.49 2.44
CA LEU A 22 7.57 -0.24 1.05
C LEU A 22 8.74 -0.78 0.23
N THR A 23 9.99 -0.54 0.66
CA THR A 23 11.17 -1.06 -0.04
C THR A 23 11.16 -2.59 -0.13
N GLU A 24 10.71 -3.24 0.94
CA GLU A 24 10.60 -4.70 0.97
C GLU A 24 9.54 -5.17 0.00
N MET A 25 8.47 -4.41 -0.10
CA MET A 25 7.45 -4.72 -1.07
C MET A 25 7.91 -4.49 -2.51
N GLU A 26 8.56 -3.37 -2.76
CA GLU A 26 9.10 -3.06 -4.09
C GLU A 26 10.07 -4.11 -4.58
N THR A 27 10.83 -4.75 -3.68
CA THR A 27 11.84 -5.74 -4.10
C THR A 27 11.32 -7.19 -4.07
N HIS A 28 10.10 -7.41 -3.61
CA HIS A 28 9.46 -8.71 -3.75
C HIS A 28 9.28 -9.15 -5.24
N GLU A 29 9.54 -10.41 -5.50
CA GLU A 29 9.42 -10.98 -6.83
C GLU A 29 8.03 -10.81 -7.45
N ASP A 30 6.99 -10.84 -6.63
CA ASP A 30 5.63 -10.68 -7.08
C ASP A 30 5.15 -9.21 -7.10
N ALA A 31 6.08 -8.25 -6.99
CA ALA A 31 5.69 -6.84 -7.01
C ALA A 31 5.48 -6.28 -8.41
N TRP A 32 5.89 -7.01 -9.44
CA TRP A 32 5.87 -6.50 -10.82
C TRP A 32 4.52 -5.93 -11.29
N PRO A 33 3.37 -6.49 -10.84
CA PRO A 33 2.17 -5.83 -11.35
C PRO A 33 1.94 -4.43 -10.79
N PHE A 34 2.69 -4.06 -9.74
CA PHE A 34 2.32 -2.95 -8.87
C PHE A 34 3.33 -1.83 -8.85
N LEU A 35 4.42 -1.96 -9.60
CA LEU A 35 5.52 -1.02 -9.50
C LEU A 35 5.21 0.35 -10.11
N LEU A 36 4.39 0.37 -11.17
CA LEU A 36 4.05 1.60 -11.88
C LEU A 36 2.51 1.70 -12.02
N PRO A 37 1.98 2.92 -12.24
CA PRO A 37 0.52 2.98 -12.45
C PRO A 37 0.04 2.10 -13.62
N VAL A 38 -1.15 1.51 -13.51
CA VAL A 38 -1.73 0.86 -14.69
C VAL A 38 -1.89 1.89 -15.79
N ASN A 39 -1.37 1.56 -16.96
CA ASN A 39 -1.42 2.42 -18.11
C ASN A 39 -2.85 2.44 -18.71
N LEU A 40 -3.51 3.58 -18.62
CA LEU A 40 -4.92 3.69 -18.98
C LEU A 40 -5.17 3.63 -20.47
N LYS A 41 -4.11 3.70 -21.28
CA LYS A 41 -4.19 3.47 -22.71
C LYS A 41 -3.96 1.99 -23.05
N LEU A 42 -3.23 1.27 -22.20
CA LEU A 42 -2.96 -0.14 -22.45
C LEU A 42 -4.05 -1.05 -21.94
N VAL A 43 -4.80 -0.63 -20.92
CA VAL A 43 -5.69 -1.58 -20.27
C VAL A 43 -7.16 -1.22 -20.44
N PRO A 44 -7.90 -1.95 -21.34
CA PRO A 44 -9.35 -1.75 -21.50
C PRO A 44 -10.12 -1.97 -20.20
N GLY A 45 -10.91 -0.95 -19.81
CA GLY A 45 -11.74 -0.99 -18.61
C GLY A 45 -11.19 -0.18 -17.44
N TYR A 46 -9.87 -0.10 -17.32
CA TYR A 46 -9.28 0.31 -16.04
C TYR A 46 -9.77 1.65 -15.54
N LYS A 47 -9.73 2.61 -16.45
CA LYS A 47 -10.08 4.01 -16.14
C LYS A 47 -11.48 4.12 -15.53
N LYS A 48 -12.46 3.57 -16.24
CA LYS A 48 -13.85 3.66 -15.82
C LYS A 48 -14.13 2.83 -14.57
N VAL A 49 -13.50 1.67 -14.46
CA VAL A 49 -13.83 0.73 -13.41
C VAL A 49 -13.15 1.09 -12.08
N ILE A 50 -11.90 1.52 -12.11
CA ILE A 50 -11.13 1.74 -10.86
C ILE A 50 -11.08 3.22 -10.56
N LYS A 51 -11.88 3.65 -9.59
CA LYS A 51 -12.05 5.08 -9.34
C LYS A 51 -10.81 5.74 -8.77
N LYS A 52 -10.05 5.00 -7.96
CA LYS A 52 -8.87 5.54 -7.30
C LYS A 52 -7.68 4.62 -7.51
N PRO A 53 -7.01 4.76 -8.66
CA PRO A 53 -5.85 3.95 -8.91
C PRO A 53 -4.75 4.28 -7.90
N MET A 54 -3.95 3.27 -7.59
CA MET A 54 -2.80 3.43 -6.75
C MET A 54 -1.77 2.36 -7.11
N ASP A 55 -0.50 2.64 -6.82
CA ASP A 55 0.62 1.72 -7.13
C ASP A 55 1.84 2.10 -6.28
N PHE A 56 2.84 1.20 -6.21
CA PHE A 56 3.99 1.40 -5.32
C PHE A 56 4.75 2.69 -5.59
N SER A 57 4.97 3.05 -6.84
CA SER A 57 5.70 4.25 -7.16
C SER A 57 4.96 5.54 -6.75
N THR A 58 3.63 5.52 -6.83
CA THR A 58 2.81 6.64 -6.42
C THR A 58 2.86 6.73 -4.92
N ILE A 59 2.76 5.60 -4.24
CA ILE A 59 2.98 5.59 -2.79
C ILE A 59 4.38 6.09 -2.42
N ARG A 60 5.41 5.71 -3.17
CA ARG A 60 6.75 6.12 -2.81
C ARG A 60 6.90 7.65 -2.95
N GLU A 61 6.36 8.19 -4.03
CA GLU A 61 6.38 9.63 -4.23
C GLU A 61 5.66 10.36 -3.09
N LYS A 62 4.47 9.88 -2.74
CA LYS A 62 3.69 10.49 -1.67
C LYS A 62 4.42 10.43 -0.30
N LEU A 63 5.02 9.28 0.00
CA LEU A 63 5.86 9.11 1.19
C LEU A 63 7.08 10.04 1.23
N SER A 64 7.83 10.11 0.13
CA SER A 64 9.02 10.93 -0.02
C SER A 64 8.76 12.44 0.10
N SER A 65 7.50 12.83 -0.11
CA SER A 65 7.10 14.24 -0.20
C SER A 65 6.10 14.68 0.88
N GLY A 66 5.97 13.90 1.95
CA GLY A 66 5.22 14.34 3.11
C GLY A 66 3.72 14.39 2.86
N GLN A 67 3.23 13.53 1.99
CA GLN A 67 1.81 13.53 1.71
C GLN A 67 1.00 12.53 2.56
N TYR A 68 1.65 11.78 3.45
CA TYR A 68 0.92 10.93 4.41
C TYR A 68 0.96 11.56 5.77
N PRO A 69 -0.20 11.99 6.31
CA PRO A 69 -0.18 12.61 7.59
C PRO A 69 0.19 11.66 8.71
N ASN A 70 -0.08 10.36 8.51
CA ASN A 70 0.19 9.36 9.53
C ASN A 70 0.25 7.96 8.91
N LEU A 71 0.60 6.99 9.73
CA LEU A 71 0.72 5.56 9.37
CA LEU A 71 0.82 5.65 9.21
C LEU A 71 -0.47 5.00 8.65
N GLU A 72 -1.63 5.32 9.19
CA GLU A 72 -2.86 4.71 8.71
C GLU A 72 -3.19 5.14 7.30
N THR A 73 -2.87 6.38 6.93
CA THR A 73 -3.16 6.86 5.59
C THR A 73 -2.24 6.15 4.64
N PHE A 74 -1.04 5.82 5.12
CA PHE A 74 -0.10 5.01 4.29
C PHE A 74 -0.65 3.57 4.07
N ALA A 75 -1.12 2.92 5.12
CA ALA A 75 -1.68 1.57 5.01
C ALA A 75 -2.94 1.56 4.12
N LEU A 76 -3.74 2.64 4.14
CA LEU A 76 -4.93 2.73 3.29
C LEU A 76 -4.55 2.71 1.80
N ASP A 77 -3.51 3.44 1.46
CA ASP A 77 -3.00 3.44 0.05
C ASP A 77 -2.46 2.08 -0.35
N VAL A 78 -1.67 1.42 0.51
CA VAL A 78 -1.18 0.07 0.23
C VAL A 78 -2.36 -0.89 0.02
N ARG A 79 -3.35 -0.86 0.91
CA ARG A 79 -4.49 -1.75 0.77
C ARG A 79 -5.27 -1.44 -0.50
N LEU A 80 -5.32 -0.17 -0.89
CA LEU A 80 -6.04 0.26 -2.10
C LEU A 80 -5.43 -0.41 -3.33
N VAL A 81 -4.11 -0.49 -3.36
CA VAL A 81 -3.43 -1.22 -4.44
C VAL A 81 -4.01 -2.65 -4.57
N PHE A 82 -4.14 -3.35 -3.47
CA PHE A 82 -4.57 -4.77 -3.53
C PHE A 82 -6.07 -4.94 -3.75
N ASP A 83 -6.86 -4.02 -3.19
CA ASP A 83 -8.30 -3.96 -3.42
C ASP A 83 -8.63 -3.69 -4.87
N ASN A 84 -7.95 -2.74 -5.47
CA ASN A 84 -8.11 -2.50 -6.91
C ASN A 84 -7.75 -3.73 -7.71
N CYS A 85 -6.67 -4.39 -7.31
CA CYS A 85 -6.20 -5.56 -8.03
C CYS A 85 -7.25 -6.65 -8.00
N GLU A 86 -7.89 -6.83 -6.85
CA GLU A 86 -8.94 -7.83 -6.75
C GLU A 86 -10.17 -7.47 -7.52
N THR A 87 -10.52 -6.21 -7.54
CA THR A 87 -11.67 -5.77 -8.28
C THR A 87 -11.48 -6.04 -9.77
N PHE A 88 -10.27 -5.85 -10.27
CA PHE A 88 -10.06 -5.86 -11.72
C PHE A 88 -9.61 -7.23 -12.24
N ASN A 89 -8.89 -8.00 -11.42
CA ASN A 89 -8.30 -9.25 -11.87
C ASN A 89 -8.92 -10.50 -11.24
N GLU A 90 -9.03 -11.55 -12.04
CA GLU A 90 -9.44 -12.85 -11.55
C GLU A 90 -8.41 -13.33 -10.52
N ASP A 91 -8.92 -13.94 -9.44
CA ASP A 91 -8.07 -14.60 -8.44
C ASP A 91 -7.08 -15.58 -9.10
N ASP A 92 -7.52 -16.23 -10.17
CA ASP A 92 -6.74 -17.28 -10.85
C ASP A 92 -5.94 -16.74 -12.05
N SER A 93 -5.54 -15.48 -12.00
CA SER A 93 -4.60 -14.93 -12.97
C SER A 93 -3.28 -14.78 -12.24
N ASP A 94 -2.19 -14.59 -12.99
CA ASP A 94 -0.88 -14.28 -12.39
C ASP A 94 -0.92 -13.01 -11.56
N ILE A 95 -1.58 -11.97 -12.10
CA ILE A 95 -1.72 -10.70 -11.42
C ILE A 95 -2.59 -10.84 -10.18
N GLY A 96 -3.71 -11.56 -10.31
CA GLY A 96 -4.63 -11.77 -9.17
C GLY A 96 -3.91 -12.49 -8.00
N ARG A 97 -3.12 -13.51 -8.35
CA ARG A 97 -2.32 -14.25 -7.36
C ARG A 97 -1.22 -13.40 -6.73
N ALA A 98 -0.58 -12.55 -7.53
CA ALA A 98 0.43 -11.63 -7.02
C ALA A 98 -0.16 -10.72 -5.97
N GLY A 99 -1.35 -10.18 -6.23
CA GLY A 99 -1.98 -9.27 -5.32
C GLY A 99 -2.29 -9.91 -3.99
N HIS A 100 -2.85 -11.12 -4.02
CA HIS A 100 -3.10 -11.89 -2.77
C HIS A 100 -1.80 -12.13 -2.01
N ASN A 101 -0.76 -12.57 -2.69
CA ASN A 101 0.55 -12.79 -2.06
C ASN A 101 1.14 -11.51 -1.44
N MET A 102 1.03 -10.40 -2.16
CA MET A 102 1.62 -9.14 -1.71
C MET A 102 0.81 -8.57 -0.53
N ARG A 103 -0.49 -8.78 -0.54
CA ARG A 103 -1.30 -8.30 0.56
C ARG A 103 -0.92 -9.07 1.84
N LYS A 104 -0.80 -10.39 1.74
CA LYS A 104 -0.44 -11.22 2.88
C LYS A 104 0.92 -10.79 3.43
N TYR A 105 1.88 -10.60 2.52
CA TYR A 105 3.21 -10.15 2.85
C TYR A 105 3.18 -8.82 3.61
N PHE A 106 2.38 -7.87 3.09
CA PHE A 106 2.31 -6.55 3.68
C PHE A 106 1.71 -6.60 5.07
N GLU A 107 0.62 -7.33 5.23
CA GLU A 107 -0.11 -7.29 6.49
C GLU A 107 0.69 -7.90 7.63
N LYS A 108 1.48 -8.93 7.33
CA LYS A 108 2.40 -9.48 8.32
C LYS A 108 3.48 -8.46 8.75
N LYS A 109 4.14 -7.83 7.78
CA LYS A 109 5.10 -6.77 8.11
C LYS A 109 4.43 -5.67 8.93
N TRP A 110 3.21 -5.31 8.54
CA TRP A 110 2.46 -4.25 9.22
C TRP A 110 2.19 -4.59 10.71
N THR A 111 1.68 -5.80 10.96
CA THR A 111 1.39 -6.25 12.31
CA THR A 111 1.40 -6.24 12.33
C THR A 111 2.69 -6.45 13.10
N ASP A 112 3.70 -7.03 12.46
CA ASP A 112 4.98 -7.20 13.13
C ASP A 112 5.63 -5.87 13.51
N THR A 113 5.52 -4.88 12.65
CA THR A 113 6.22 -3.61 12.86
C THR A 113 5.51 -2.67 13.85
N PHE A 114 4.17 -2.67 13.86
CA PHE A 114 3.41 -1.61 14.53
C PHE A 114 2.50 -2.08 15.66
N LYS A 115 1.90 -3.26 15.50
CA LYS A 115 1.12 -3.88 16.59
C LYS A 115 2.03 -4.59 17.62
N VAL A 116 3.26 -4.91 17.23
CA VAL A 116 4.17 -5.73 18.04
C VAL A 116 5.63 -5.36 17.77
CAA 43D B . 2.46 -0.29 -16.86
CAS 43D B . 1.37 -1.15 -17.50
CAK 43D B . 1.53 -2.30 -18.16
NAQ 43D B . 0.07 -0.85 -17.47
NAR 43D B . -0.57 -1.79 -18.11
NAZ 43D B . 0.29 -2.68 -18.51
CAM 43D B . -0.23 -3.86 -19.27
CAN 43D B . -0.11 -5.21 -18.49
NBA 43D B . -1.14 -5.19 -17.36
CAJ 43D B . -2.40 -5.57 -17.56
NAO 43D B . -3.10 -5.42 -16.42
CAW 43D B . -2.27 -4.88 -15.51
CAV 43D B . -2.69 -4.68 -14.22
CAL 43D B . -1.89 -4.70 -13.15
CAI 43D B . -3.95 -4.56 -13.80
NAP 43D B . -3.95 -4.46 -12.45
NAY 43D B . -2.65 -4.55 -12.08
CAB 43D B . -2.18 -4.51 -10.69
CAX 43D B . -1.05 -4.75 -16.08
CAU 43D B . 0.11 -4.24 -15.52
CAG 43D B . 0.06 -2.98 -14.92
CAE 43D B . 1.15 -2.38 -14.31
CAT 43D B . 2.35 -3.04 -14.29
CAD 43D B . 3.49 -2.51 -13.70
NAC 43D B . 4.47 -2.01 -13.16
CAF 43D B . 2.45 -4.32 -14.91
CAH 43D B . 1.33 -4.90 -15.53
C1 EDO C . 9.92 -12.99 -2.18
C1 EDO C . 11.83 -11.75 -3.26
O1 EDO C . 10.56 -12.24 -3.21
O1 EDO C . 10.49 -12.27 -3.34
C2 EDO C . 10.16 -12.40 -0.79
C2 EDO C . 12.10 -11.05 -1.93
O2 EDO C . 11.16 -11.36 -0.84
O2 EDO C . 11.52 -11.79 -0.84
C1 EDO D . 7.25 0.88 16.35
O1 EDO D . 7.34 2.31 16.14
C2 EDO D . 6.02 0.49 17.17
O2 EDO D . 4.96 1.43 16.98
C1 EDO E . -9.40 2.01 -22.67
O1 EDO E . -8.73 1.49 -21.50
C2 EDO E . -8.82 1.36 -23.93
O2 EDO E . -7.47 0.93 -23.70
#